data_6SDC
#
_entry.id   6SDC
#
_cell.length_a   42.574
_cell.length_b   80.396
_cell.length_c   91.306
_cell.angle_alpha   90.000
_cell.angle_beta   90.000
_cell.angle_gamma   90.000
#
_symmetry.space_group_name_H-M   'P 21 21 21'
#
loop_
_entity.id
_entity.type
_entity.pdbx_description
1 polymer 'Hepatocyte growth factor receptor'
2 non-polymer "N-(3-fluoro-4-{[6-methoxy-7-(3-morpholin-4-ylpropoxy)quinolin-4-yl]oxy}phenyl)-N'-(4-fluorophenyl)cyclopropane-1,1-dicarboxamide"
3 water water
#
_entity_poly.entity_id   1
_entity_poly.type   'polypeptide(L)'
_entity_poly.pdbx_seq_one_letter_code
;GDSDISSPLLQNTVHIDLSALNPELVQAVQHVVIGPSSLIVHFNEVIGRGHFGCVYHGTLLDNDGKKIHCAVKSLNRITD
IGEVSQFLTEGIIMKDFSHPNVLSLLGICLRSEGSPLVVLPYMKHGDLRNFIRNETHNPTVKDLIGFGLQVAKGMKYLAS
KKFVHRDLAARNCMLDEKFTVKVADFGLARVMYDKEYYSVHNKTGAKLPVKWMALESLQTQKFTTKSDVWSFGVLLWELM
TRGAPPYPDVNTFDITVYLLQGRRLLQPEYCPDPLYEVMLKCWHPKAEMRPSFSELVSRISAIFSTFIG
;
_entity_poly.pdbx_strand_id   A
#
loop_
_chem_comp.id
_chem_comp.type
_chem_comp.name
_chem_comp.formula
88Z non-polymer N-(3-fluoro-4-{[6-methoxy-7-(3-morpholin-4-ylpropoxy)quinolin-4-yl]oxy}phenyl)-N'-(4-fluorophenyl)cyclopropane-1,1-dicarboxamide 'C34 H34 F2 N4 O6'
#
# COMPACT_ATOMS: atom_id res chain seq x y z
N HIS A 15 1.81 -27.97 -3.61
CA HIS A 15 0.93 -29.09 -3.91
C HIS A 15 -0.55 -28.66 -3.91
N ILE A 16 -0.85 -27.44 -4.43
CA ILE A 16 -2.23 -26.93 -4.47
C ILE A 16 -3.08 -27.67 -5.51
N ASP A 17 -4.38 -27.79 -5.24
CA ASP A 17 -5.31 -28.38 -6.18
C ASP A 17 -6.18 -27.27 -6.71
N LEU A 18 -5.83 -26.78 -7.93
CA LEU A 18 -6.56 -25.71 -8.63
C LEU A 18 -8.01 -26.07 -8.89
N SER A 19 -8.33 -27.39 -9.02
CA SER A 19 -9.70 -27.83 -9.25
C SER A 19 -10.65 -27.47 -8.11
N ALA A 20 -10.11 -27.29 -6.86
CA ALA A 20 -10.94 -26.94 -5.70
C ALA A 20 -11.15 -25.42 -5.57
N LEU A 21 -10.40 -24.61 -6.34
CA LEU A 21 -10.53 -23.16 -6.30
C LEU A 21 -11.64 -22.68 -7.23
N ASN A 22 -12.06 -21.40 -7.06
CA ASN A 22 -13.07 -20.76 -7.89
C ASN A 22 -12.57 -20.77 -9.35
N PRO A 23 -13.38 -21.32 -10.31
CA PRO A 23 -12.89 -21.44 -11.70
C PRO A 23 -12.64 -20.13 -12.44
N GLU A 24 -13.44 -19.10 -12.14
CA GLU A 24 -13.33 -17.74 -12.70
C GLU A 24 -12.01 -17.13 -12.19
N LEU A 25 -11.65 -17.40 -10.92
CA LEU A 25 -10.39 -16.97 -10.31
C LEU A 25 -9.20 -17.65 -11.00
N VAL A 26 -9.27 -18.99 -11.15
CA VAL A 26 -8.23 -19.77 -11.82
C VAL A 26 -8.03 -19.28 -13.27
N GLN A 27 -9.13 -18.97 -13.98
CA GLN A 27 -9.09 -18.46 -15.36
C GLN A 27 -8.32 -17.13 -15.41
N ALA A 28 -8.65 -16.22 -14.48
CA ALA A 28 -8.00 -14.92 -14.33
C ALA A 28 -6.50 -15.10 -14.08
N VAL A 29 -6.14 -16.07 -13.22
CA VAL A 29 -4.74 -16.36 -12.90
C VAL A 29 -4.00 -16.85 -14.16
N GLN A 30 -4.66 -17.73 -14.94
CA GLN A 30 -4.07 -18.28 -16.17
C GLN A 30 -3.74 -17.22 -17.21
N HIS A 31 -4.54 -16.15 -17.32
CA HIS A 31 -4.27 -15.06 -18.26
C HIS A 31 -2.99 -14.26 -17.92
N VAL A 32 -2.54 -14.26 -16.64
CA VAL A 32 -1.32 -13.58 -16.18
C VAL A 32 -0.23 -14.60 -15.74
N VAL A 33 -0.31 -15.85 -16.23
CA VAL A 33 0.61 -16.89 -15.80
C VAL A 33 2.05 -16.68 -16.33
N ILE A 34 3.01 -17.00 -15.46
CA ILE A 34 4.45 -17.02 -15.72
C ILE A 34 4.85 -18.49 -15.60
N GLY A 35 5.40 -19.05 -16.68
CA GLY A 35 5.86 -20.42 -16.69
C GLY A 35 6.94 -20.62 -15.64
N PRO A 36 6.93 -21.74 -14.86
CA PRO A 36 7.96 -21.91 -13.80
C PRO A 36 9.41 -21.83 -14.25
N SER A 37 9.69 -22.08 -15.54
CA SER A 37 11.04 -22.03 -16.11
C SER A 37 11.56 -20.61 -16.38
N SER A 38 10.65 -19.63 -16.57
CA SER A 38 11.00 -18.23 -16.82
C SER A 38 11.41 -17.49 -15.53
N LEU A 39 11.12 -18.09 -14.36
CA LEU A 39 11.39 -17.43 -13.09
C LEU A 39 12.39 -18.18 -12.23
N ILE A 40 13.42 -17.45 -11.75
CA ILE A 40 14.46 -17.95 -10.86
C ILE A 40 14.23 -17.25 -9.52
N VAL A 41 13.88 -18.01 -8.49
CA VAL A 41 13.63 -17.45 -7.18
C VAL A 41 14.89 -17.69 -6.32
N HIS A 42 15.46 -16.61 -5.77
CA HIS A 42 16.65 -16.68 -4.92
C HIS A 42 16.15 -16.74 -3.48
N PHE A 43 15.85 -17.97 -3.02
CA PHE A 43 15.30 -18.25 -1.69
C PHE A 43 16.21 -17.88 -0.53
N ASN A 44 17.53 -17.77 -0.78
CA ASN A 44 18.52 -17.36 0.22
C ASN A 44 18.55 -15.83 0.33
N GLU A 45 17.97 -15.15 -0.68
CA GLU A 45 17.91 -13.68 -0.76
C GLU A 45 16.52 -13.20 -0.36
N VAL A 46 16.25 -13.24 0.94
CA VAL A 46 14.96 -12.84 1.51
C VAL A 46 14.88 -11.32 1.56
N ILE A 47 13.75 -10.76 1.11
CA ILE A 47 13.45 -9.34 1.12
C ILE A 47 12.59 -9.01 2.35
N GLY A 48 11.72 -9.93 2.76
CA GLY A 48 10.82 -9.73 3.89
C GLY A 48 10.14 -10.99 4.37
N ARG A 49 9.86 -11.06 5.68
CA ARG A 49 9.22 -12.21 6.30
C ARG A 49 8.04 -11.77 7.16
N GLY A 50 6.93 -12.49 7.05
CA GLY A 50 5.72 -12.20 7.83
C GLY A 50 5.03 -13.45 8.34
N HIS A 51 3.91 -13.25 9.05
CA HIS A 51 3.09 -14.33 9.62
CA HIS A 51 3.10 -14.34 9.62
C HIS A 51 2.47 -15.22 8.53
N PHE A 52 1.99 -14.62 7.43
CA PHE A 52 1.34 -15.39 6.35
C PHE A 52 2.16 -15.58 5.09
N GLY A 53 3.14 -14.73 4.86
CA GLY A 53 3.93 -14.84 3.65
C GLY A 53 5.28 -14.16 3.70
N CYS A 54 6.09 -14.46 2.68
CA CYS A 54 7.46 -13.95 2.53
CA CYS A 54 7.44 -13.91 2.54
C CYS A 54 7.70 -13.39 1.14
N VAL A 55 8.71 -12.54 1.01
CA VAL A 55 9.10 -11.89 -0.25
C VAL A 55 10.59 -12.16 -0.47
N TYR A 56 10.94 -12.67 -1.66
CA TYR A 56 12.33 -12.97 -2.06
C TYR A 56 12.74 -12.16 -3.28
N HIS A 57 14.06 -12.09 -3.54
CA HIS A 57 14.58 -11.52 -4.77
C HIS A 57 14.32 -12.58 -5.83
N GLY A 58 14.13 -12.14 -7.05
CA GLY A 58 13.91 -13.05 -8.17
C GLY A 58 14.38 -12.48 -9.47
N THR A 59 14.58 -13.34 -10.46
CA THR A 59 14.98 -12.95 -11.80
C THR A 59 13.99 -13.54 -12.76
N LEU A 60 13.38 -12.69 -13.59
CA LEU A 60 12.43 -13.09 -14.60
C LEU A 60 13.12 -12.89 -15.96
N LEU A 61 13.14 -13.93 -16.82
CA LEU A 61 13.78 -13.85 -18.13
C LEU A 61 12.88 -13.22 -19.18
N ASP A 64 13.56 -13.33 -25.07
CA ASP A 64 14.79 -12.69 -25.54
C ASP A 64 15.97 -12.90 -24.59
N GLY A 65 15.69 -13.42 -23.40
CA GLY A 65 16.69 -13.73 -22.38
C GLY A 65 17.11 -12.56 -21.52
N LYS A 66 16.43 -11.40 -21.67
CA LYS A 66 16.70 -10.20 -20.87
C LYS A 66 16.27 -10.49 -19.43
N LYS A 67 17.18 -10.24 -18.47
CA LYS A 67 16.92 -10.45 -17.05
C LYS A 67 16.21 -9.23 -16.45
N ILE A 68 15.06 -9.47 -15.82
CA ILE A 68 14.24 -8.45 -15.13
C ILE A 68 14.34 -8.76 -13.63
N HIS A 69 14.86 -7.81 -12.80
CA HIS A 69 14.93 -8.01 -11.36
C HIS A 69 13.52 -7.83 -10.78
N CYS A 70 13.07 -8.81 -10.00
CA CYS A 70 11.72 -8.75 -9.44
C CYS A 70 11.69 -9.14 -7.96
N ALA A 71 10.52 -8.97 -7.34
CA ALA A 71 10.25 -9.38 -5.98
C ALA A 71 9.25 -10.49 -6.11
N VAL A 72 9.49 -11.58 -5.39
CA VAL A 72 8.64 -12.76 -5.49
C VAL A 72 7.96 -13.02 -4.15
N LYS A 73 6.63 -12.91 -4.17
CA LYS A 73 5.77 -13.05 -3.01
C LYS A 73 5.23 -14.49 -2.92
N SER A 74 5.33 -15.10 -1.73
CA SER A 74 4.90 -16.46 -1.48
C SER A 74 4.08 -16.58 -0.21
N LEU A 75 3.30 -17.66 -0.12
CA LEU A 75 2.56 -18.02 1.09
C LEU A 75 3.50 -18.90 1.91
N ASN A 76 3.37 -18.88 3.25
CA ASN A 76 4.19 -19.71 4.13
C ASN A 76 3.69 -21.15 4.14
N ARG A 77 2.35 -21.32 4.05
CA ARG A 77 1.66 -22.61 4.05
C ARG A 77 0.60 -22.63 2.95
N ILE A 78 0.38 -23.83 2.36
CA ILE A 78 -0.54 -24.02 1.25
C ILE A 78 -1.73 -24.97 1.61
N THR A 79 -1.98 -25.16 2.92
CA THR A 79 -2.99 -26.09 3.43
C THR A 79 -4.44 -25.57 3.48
N ASP A 80 -4.64 -24.25 3.66
CA ASP A 80 -5.98 -23.65 3.77
C ASP A 80 -6.45 -23.03 2.45
N ILE A 81 -7.59 -23.52 1.92
CA ILE A 81 -8.23 -23.07 0.68
C ILE A 81 -8.53 -21.56 0.69
N GLY A 82 -9.01 -21.06 1.83
CA GLY A 82 -9.34 -19.65 2.04
C GLY A 82 -8.11 -18.76 1.89
N GLU A 83 -6.98 -19.14 2.50
CA GLU A 83 -5.71 -18.39 2.40
C GLU A 83 -5.17 -18.44 1.00
N VAL A 84 -5.18 -19.63 0.35
CA VAL A 84 -4.72 -19.76 -1.02
C VAL A 84 -5.57 -18.91 -1.98
N SER A 85 -6.90 -18.96 -1.84
CA SER A 85 -7.83 -18.18 -2.68
C SER A 85 -7.63 -16.68 -2.45
N GLN A 86 -7.50 -16.25 -1.20
CA GLN A 86 -7.27 -14.85 -0.87
C GLN A 86 -5.95 -14.36 -1.50
N PHE A 87 -4.89 -15.15 -1.37
CA PHE A 87 -3.57 -14.86 -1.94
C PHE A 87 -3.66 -14.60 -3.45
N LEU A 88 -4.33 -15.50 -4.20
CA LEU A 88 -4.49 -15.35 -5.64
C LEU A 88 -5.38 -14.17 -5.99
N THR A 89 -6.47 -13.99 -5.20
CA THR A 89 -7.42 -12.88 -5.37
C THR A 89 -6.68 -11.54 -5.21
N GLU A 90 -5.76 -11.43 -4.23
CA GLU A 90 -4.98 -10.19 -4.03
C GLU A 90 -4.20 -9.84 -5.30
N GLY A 91 -3.54 -10.85 -5.88
CA GLY A 91 -2.76 -10.72 -7.11
C GLY A 91 -3.65 -10.34 -8.28
N ILE A 92 -4.82 -10.98 -8.40
CA ILE A 92 -5.78 -10.72 -9.49
C ILE A 92 -6.39 -9.30 -9.41
N ILE A 93 -6.68 -8.80 -8.20
CA ILE A 93 -7.22 -7.43 -8.02
C ILE A 93 -6.29 -6.37 -8.69
N MET A 94 -4.97 -6.64 -8.73
CA MET A 94 -3.88 -5.81 -9.28
C MET A 94 -3.74 -5.82 -10.79
N LYS A 95 -4.11 -6.94 -11.45
CA LYS A 95 -3.83 -7.21 -12.86
C LYS A 95 -4.10 -6.05 -13.82
N ASP A 96 -5.19 -5.31 -13.66
CA ASP A 96 -5.50 -4.25 -14.62
C ASP A 96 -5.06 -2.84 -14.15
N PHE A 97 -4.33 -2.73 -13.04
CA PHE A 97 -3.82 -1.43 -12.58
C PHE A 97 -2.64 -1.05 -13.48
N SER A 98 -2.82 0.01 -14.28
CA SER A 98 -1.78 0.50 -15.21
C SER A 98 -1.68 2.01 -15.06
N HIS A 99 -0.87 2.46 -14.09
CA HIS A 99 -0.67 3.87 -13.76
C HIS A 99 0.76 4.05 -13.20
N PRO A 100 1.50 5.14 -13.57
CA PRO A 100 2.87 5.29 -13.06
C PRO A 100 2.95 5.34 -11.53
N ASN A 101 1.82 5.62 -10.83
CA ASN A 101 1.87 5.69 -9.37
C ASN A 101 1.10 4.58 -8.65
N VAL A 102 0.93 3.42 -9.32
CA VAL A 102 0.27 2.26 -8.74
C VAL A 102 1.17 1.07 -9.10
N LEU A 103 1.47 0.21 -8.11
CA LEU A 103 2.30 -0.97 -8.30
C LEU A 103 1.60 -1.90 -9.27
N SER A 104 2.36 -2.41 -10.25
CA SER A 104 1.86 -3.32 -11.28
C SER A 104 2.25 -4.78 -10.98
N LEU A 105 1.55 -5.71 -11.66
CA LEU A 105 1.73 -7.15 -11.52
C LEU A 105 2.51 -7.68 -12.71
N LEU A 106 3.66 -8.31 -12.47
CA LEU A 106 4.42 -8.92 -13.59
C LEU A 106 3.75 -10.24 -14.00
N GLY A 107 3.13 -10.92 -13.04
CA GLY A 107 2.43 -12.18 -13.29
C GLY A 107 2.35 -13.09 -12.08
N ILE A 108 1.75 -14.27 -12.26
CA ILE A 108 1.60 -15.25 -11.18
C ILE A 108 2.20 -16.57 -11.67
N CYS A 109 3.16 -17.12 -10.91
CA CYS A 109 3.79 -18.40 -11.23
C CYS A 109 3.15 -19.51 -10.42
N LEU A 110 2.43 -20.39 -11.12
CA LEU A 110 1.82 -21.58 -10.53
C LEU A 110 2.84 -22.71 -10.66
N ARG A 111 3.20 -23.34 -9.56
CA ARG A 111 4.16 -24.45 -9.56
C ARG A 111 3.47 -25.77 -9.22
N SER A 112 4.08 -26.89 -9.64
CA SER A 112 3.55 -28.24 -9.36
C SER A 112 3.57 -28.49 -7.86
N GLU A 113 4.64 -28.02 -7.19
CA GLU A 113 4.81 -28.15 -5.75
C GLU A 113 5.10 -26.78 -5.11
N GLY A 114 4.37 -26.50 -4.05
CA GLY A 114 4.54 -25.30 -3.27
C GLY A 114 3.55 -24.19 -3.56
N SER A 115 3.78 -23.07 -2.89
CA SER A 115 2.96 -21.89 -2.99
C SER A 115 2.97 -21.30 -4.39
N PRO A 116 1.81 -20.82 -4.88
CA PRO A 116 1.86 -20.01 -6.11
C PRO A 116 2.68 -18.75 -5.78
N LEU A 117 3.28 -18.11 -6.79
CA LEU A 117 4.15 -16.96 -6.54
C LEU A 117 3.63 -15.74 -7.26
N VAL A 118 3.54 -14.62 -6.53
CA VAL A 118 3.09 -13.36 -7.15
C VAL A 118 4.37 -12.59 -7.39
N VAL A 119 4.57 -12.17 -8.65
CA VAL A 119 5.78 -11.53 -9.13
C VAL A 119 5.52 -10.06 -9.39
N LEU A 120 6.32 -9.21 -8.70
CA LEU A 120 6.20 -7.76 -8.73
C LEU A 120 7.48 -7.14 -9.21
N PRO A 121 7.40 -5.97 -9.89
CA PRO A 121 8.65 -5.27 -10.25
C PRO A 121 9.36 -4.89 -8.96
N TYR A 122 10.71 -5.07 -8.93
CA TYR A 122 11.54 -4.77 -7.78
C TYR A 122 11.59 -3.27 -7.51
N MET A 123 11.38 -2.90 -6.25
CA MET A 123 11.35 -1.49 -5.86
C MET A 123 12.63 -1.18 -5.08
N LYS A 124 13.62 -0.58 -5.76
CA LYS A 124 14.96 -0.31 -5.22
C LYS A 124 14.98 0.26 -3.82
N HIS A 125 14.14 1.28 -3.57
CA HIS A 125 14.14 1.97 -2.28
C HIS A 125 13.13 1.45 -1.28
N GLY A 126 12.49 0.30 -1.57
CA GLY A 126 11.55 -0.34 -0.65
C GLY A 126 10.30 0.47 -0.41
N ASP A 127 9.77 0.39 0.83
CA ASP A 127 8.55 1.15 1.20
C ASP A 127 8.86 2.59 1.59
N LEU A 128 7.91 3.48 1.28
CA LEU A 128 8.06 4.91 1.48
C LEU A 128 8.30 5.27 2.96
N ARG A 129 7.64 4.57 3.93
CA ARG A 129 7.85 4.87 5.34
C ARG A 129 9.32 4.62 5.75
N ASN A 130 9.86 3.44 5.42
CA ASN A 130 11.26 3.16 5.74
C ASN A 130 12.20 4.13 5.05
N PHE A 131 11.90 4.51 3.77
CA PHE A 131 12.71 5.45 3.01
C PHE A 131 12.82 6.81 3.72
N ILE A 132 11.68 7.41 4.08
CA ILE A 132 11.69 8.73 4.71
C ILE A 132 12.28 8.70 6.13
N ARG A 133 12.32 7.51 6.77
CA ARG A 133 12.89 7.33 8.11
C ARG A 133 14.40 7.09 8.05
N ASN A 134 14.92 6.68 6.88
CA ASN A 134 16.33 6.34 6.68
C ASN A 134 17.21 7.58 6.68
N HIS A 137 19.28 9.03 3.25
CA HIS A 137 18.71 9.99 2.30
C HIS A 137 18.22 11.24 3.00
N ASN A 138 18.18 12.37 2.27
CA ASN A 138 17.73 13.64 2.83
C ASN A 138 16.73 14.32 1.89
N PRO A 139 15.52 13.76 1.66
CA PRO A 139 14.55 14.45 0.79
C PRO A 139 14.20 15.83 1.34
N THR A 140 14.07 16.83 0.47
CA THR A 140 13.71 18.19 0.90
C THR A 140 12.22 18.20 1.22
N VAL A 141 11.71 19.32 1.76
CA VAL A 141 10.27 19.48 2.03
C VAL A 141 9.54 19.36 0.68
N LYS A 142 10.07 19.99 -0.39
CA LYS A 142 9.46 19.87 -1.73
C LYS A 142 9.43 18.40 -2.18
N ASP A 143 10.50 17.63 -1.92
CA ASP A 143 10.54 16.21 -2.31
C ASP A 143 9.43 15.41 -1.62
N LEU A 144 9.23 15.67 -0.33
CA LEU A 144 8.24 14.98 0.50
C LEU A 144 6.84 15.32 0.03
N ILE A 145 6.59 16.61 -0.25
CA ILE A 145 5.29 17.03 -0.81
C ILE A 145 5.10 16.32 -2.19
N GLY A 146 6.17 16.26 -2.99
CA GLY A 146 6.14 15.57 -4.29
C GLY A 146 5.70 14.12 -4.15
N PHE A 147 6.21 13.42 -3.10
CA PHE A 147 5.82 12.03 -2.83
C PHE A 147 4.30 11.95 -2.54
N GLY A 148 3.78 12.94 -1.79
CA GLY A 148 2.36 13.01 -1.45
C GLY A 148 1.51 13.22 -2.69
N LEU A 149 2.01 14.11 -3.57
CA LEU A 149 1.33 14.41 -4.85
C LEU A 149 1.28 13.12 -5.73
N GLN A 150 2.38 12.35 -5.75
CA GLN A 150 2.44 11.10 -6.51
C GLN A 150 1.43 10.10 -5.95
N VAL A 151 1.29 10.02 -4.60
CA VAL A 151 0.29 9.13 -4.00
C VAL A 151 -1.11 9.60 -4.43
N ALA A 152 -1.35 10.93 -4.37
CA ALA A 152 -2.66 11.48 -4.71
C ALA A 152 -3.03 11.14 -6.16
N LYS A 153 -2.04 11.17 -7.06
CA LYS A 153 -2.27 10.80 -8.49
C LYS A 153 -2.64 9.35 -8.62
N GLY A 154 -1.88 8.47 -7.92
CA GLY A 154 -2.18 7.04 -7.93
C GLY A 154 -3.56 6.78 -7.38
N MET A 155 -3.95 7.51 -6.31
CA MET A 155 -5.28 7.36 -5.71
C MET A 155 -6.39 7.95 -6.60
N LYS A 156 -6.11 9.05 -7.35
CA LYS A 156 -7.09 9.63 -8.27
C LYS A 156 -7.40 8.58 -9.35
N TYR A 157 -6.38 7.85 -9.79
CA TYR A 157 -6.58 6.78 -10.78
C TYR A 157 -7.42 5.65 -10.22
N LEU A 158 -7.10 5.16 -9.00
CA LEU A 158 -7.85 4.05 -8.38
C LEU A 158 -9.30 4.42 -8.09
N ALA A 159 -9.52 5.63 -7.55
CA ALA A 159 -10.85 6.11 -7.25
C ALA A 159 -11.69 6.18 -8.56
N SER A 160 -11.07 6.54 -9.71
CA SER A 160 -11.77 6.61 -11.01
C SER A 160 -12.24 5.22 -11.49
N LYS A 161 -11.63 4.14 -10.97
CA LYS A 161 -11.94 2.75 -11.30
C LYS A 161 -12.86 2.17 -10.22
N LYS A 162 -13.31 3.06 -9.30
CA LYS A 162 -14.17 2.74 -8.15
C LYS A 162 -13.49 1.72 -7.23
N PHE A 163 -12.15 1.76 -7.16
CA PHE A 163 -11.39 0.87 -6.28
C PHE A 163 -11.15 1.55 -4.95
N VAL A 164 -11.56 0.87 -3.86
CA VAL A 164 -11.42 1.34 -2.47
C VAL A 164 -10.23 0.59 -1.86
N HIS A 165 -9.18 1.36 -1.50
CA HIS A 165 -7.92 0.79 -1.04
C HIS A 165 -8.03 0.06 0.31
N ARG A 166 -8.56 0.77 1.33
CA ARG A 166 -8.79 0.30 2.72
C ARG A 166 -7.55 0.29 3.60
N ASP A 167 -6.33 0.41 3.04
CA ASP A 167 -5.12 0.42 3.86
C ASP A 167 -4.06 1.37 3.31
N LEU A 168 -4.50 2.58 2.93
CA LEU A 168 -3.53 3.55 2.46
C LEU A 168 -2.68 4.02 3.67
N ALA A 169 -1.37 3.94 3.53
CA ALA A 169 -0.37 4.31 4.54
C ALA A 169 0.98 4.31 3.88
N ALA A 170 1.97 5.06 4.42
CA ALA A 170 3.30 5.12 3.80
C ALA A 170 3.97 3.73 3.72
N ARG A 171 3.64 2.82 4.66
CA ARG A 171 4.20 1.45 4.71
C ARG A 171 3.74 0.62 3.50
N ASN A 172 2.61 1.01 2.87
CA ASN A 172 2.07 0.30 1.70
C ASN A 172 2.44 0.93 0.37
N CYS A 173 3.20 2.01 0.37
CA CYS A 173 3.65 2.68 -0.83
C CYS A 173 5.08 2.31 -1.08
N MET A 174 5.38 1.97 -2.32
CA MET A 174 6.72 1.55 -2.71
C MET A 174 7.43 2.67 -3.45
N LEU A 175 8.76 2.61 -3.51
CA LEU A 175 9.56 3.63 -4.17
C LEU A 175 10.62 2.99 -5.07
N ASP A 176 10.54 3.23 -6.38
CA ASP A 176 11.46 2.61 -7.33
C ASP A 176 12.80 3.39 -7.46
N GLU A 177 13.67 2.95 -8.40
CA GLU A 177 14.99 3.54 -8.63
C GLU A 177 14.95 4.99 -9.14
N LYS A 178 13.82 5.44 -9.74
CA LYS A 178 13.66 6.81 -10.24
C LYS A 178 12.91 7.67 -9.22
N PHE A 179 12.71 7.12 -7.99
CA PHE A 179 11.97 7.76 -6.87
C PHE A 179 10.51 8.00 -7.25
N THR A 180 9.94 7.08 -8.00
CA THR A 180 8.54 7.12 -8.41
C THR A 180 7.83 6.33 -7.35
N VAL A 181 6.83 6.94 -6.72
CA VAL A 181 6.04 6.28 -5.69
C VAL A 181 4.98 5.41 -6.37
N LYS A 182 4.86 4.15 -5.89
CA LYS A 182 3.88 3.19 -6.39
C LYS A 182 2.95 2.77 -5.23
N VAL A 183 1.66 3.17 -5.30
CA VAL A 183 0.69 2.79 -4.28
C VAL A 183 0.49 1.27 -4.36
N ALA A 184 0.59 0.61 -3.22
CA ALA A 184 0.46 -0.85 -3.14
C ALA A 184 -0.21 -1.28 -1.82
N ASP A 185 -0.19 -2.60 -1.54
CA ASP A 185 -0.72 -3.14 -0.29
C ASP A 185 -0.03 -4.47 -0.10
N PHE A 186 0.77 -4.61 0.97
CA PHE A 186 1.45 -5.90 1.17
C PHE A 186 0.48 -7.06 1.33
N GLY A 187 -0.74 -6.77 1.81
CA GLY A 187 -1.75 -7.80 2.04
C GLY A 187 -1.21 -8.97 2.86
N LEU A 188 -1.27 -10.19 2.31
CA LEU A 188 -0.76 -11.38 3.03
C LEU A 188 0.78 -11.40 3.20
N ALA A 189 1.53 -10.50 2.51
CA ALA A 189 2.99 -10.40 2.66
C ALA A 189 3.40 -9.35 3.70
N ARG A 190 2.44 -8.90 4.54
CA ARG A 190 2.65 -7.92 5.63
C ARG A 190 3.85 -8.37 6.45
N VAL A 191 4.85 -7.48 6.56
CA VAL A 191 6.08 -7.78 7.30
C VAL A 191 5.78 -7.70 8.79
N MET A 192 6.47 -8.54 9.58
CA MET A 192 6.30 -8.64 11.03
C MET A 192 6.44 -7.30 11.75
N TYR A 193 7.34 -6.39 11.30
CA TYR A 193 7.50 -5.08 11.97
C TYR A 193 6.23 -4.21 11.94
N ASP A 194 5.34 -4.41 10.93
CA ASP A 194 4.08 -3.67 10.73
C ASP A 194 2.90 -4.14 11.60
N LYS A 195 3.05 -5.28 12.32
CA LYS A 195 2.02 -5.91 13.14
C LYS A 195 1.35 -4.98 14.16
N GLU A 196 2.13 -4.11 14.85
CA GLU A 196 1.61 -3.17 15.85
C GLU A 196 0.58 -2.18 15.31
N TYR A 197 0.62 -1.90 13.98
CA TYR A 197 -0.31 -0.94 13.38
C TYR A 197 -1.68 -1.51 13.03
N TYR A 198 -1.90 -2.81 13.29
CA TYR A 198 -3.18 -3.42 13.01
C TYR A 198 -3.75 -3.99 14.30
N SER A 199 -5.04 -3.76 14.54
CA SER A 199 -5.69 -4.26 15.75
C SER A 199 -7.09 -4.76 15.53
N VAL A 200 -7.50 -5.78 16.34
CA VAL A 200 -8.81 -6.44 16.33
C VAL A 200 -9.97 -5.44 16.42
N ALA A 206 -11.26 -9.00 12.91
CA ALA A 206 -10.32 -8.57 11.86
C ALA A 206 -9.30 -7.53 12.35
N LYS A 207 -8.04 -7.65 11.90
CA LYS A 207 -6.95 -6.74 12.27
C LYS A 207 -7.00 -5.52 11.33
N LEU A 208 -7.42 -4.38 11.89
CA LEU A 208 -7.67 -3.11 11.18
C LEU A 208 -6.60 -2.01 11.49
N PRO A 209 -6.21 -1.18 10.47
CA PRO A 209 -5.18 -0.14 10.71
C PRO A 209 -5.82 1.12 11.31
N VAL A 210 -6.29 0.99 12.56
CA VAL A 210 -7.08 1.98 13.27
C VAL A 210 -6.54 3.43 13.24
N LYS A 211 -5.22 3.64 13.31
CA LYS A 211 -4.68 5.02 13.36
C LYS A 211 -4.66 5.72 11.99
N TRP A 212 -5.03 4.99 10.93
CA TRP A 212 -5.16 5.51 9.56
C TRP A 212 -6.62 5.56 9.15
N MET A 213 -7.52 5.01 9.98
CA MET A 213 -8.96 4.92 9.63
C MET A 213 -9.83 6.16 9.95
N ALA A 214 -10.84 6.39 9.10
CA ALA A 214 -11.77 7.49 9.30
C ALA A 214 -12.70 7.15 10.46
N LEU A 215 -13.21 8.17 11.14
CA LEU A 215 -14.16 8.00 12.25
C LEU A 215 -15.32 7.07 11.94
N GLU A 216 -16.00 7.25 10.78
CA GLU A 216 -17.12 6.39 10.40
C GLU A 216 -16.70 4.90 10.23
N SER A 217 -15.45 4.66 9.74
CA SER A 217 -14.93 3.30 9.57
C SER A 217 -14.56 2.66 10.89
N LEU A 218 -14.09 3.44 11.88
CA LEU A 218 -13.80 2.92 13.23
C LEU A 218 -15.10 2.45 13.90
N GLN A 219 -16.21 3.12 13.59
CA GLN A 219 -17.54 2.82 14.16
C GLN A 219 -18.35 1.77 13.38
N THR A 220 -18.14 1.64 12.05
CA THR A 220 -18.92 0.71 11.22
C THR A 220 -18.10 -0.43 10.56
N GLN A 221 -16.77 -0.25 10.44
CA GLN A 221 -15.82 -1.15 9.75
C GLN A 221 -16.14 -1.22 8.24
N LYS A 222 -16.86 -0.20 7.72
CA LYS A 222 -17.17 -0.03 6.31
C LYS A 222 -16.20 1.02 5.72
N PHE A 223 -15.71 0.77 4.49
CA PHE A 223 -14.72 1.63 3.82
C PHE A 223 -15.21 2.22 2.51
N THR A 224 -14.79 3.46 2.17
CA THR A 224 -15.16 4.15 0.93
C THR A 224 -13.96 4.92 0.37
N THR A 225 -14.11 5.53 -0.82
CA THR A 225 -13.03 6.40 -1.33
C THR A 225 -12.85 7.58 -0.32
N LYS A 226 -13.94 8.06 0.26
CA LYS A 226 -13.84 9.15 1.25
C LYS A 226 -13.10 8.71 2.54
N SER A 227 -13.13 7.39 2.90
CA SER A 227 -12.31 6.95 4.03
C SER A 227 -10.87 6.74 3.59
N ASP A 228 -10.60 6.48 2.27
CA ASP A 228 -9.23 6.47 1.76
C ASP A 228 -8.68 7.90 1.86
N VAL A 229 -9.52 8.92 1.61
CA VAL A 229 -9.10 10.33 1.74
C VAL A 229 -8.60 10.63 3.17
N TRP A 230 -9.31 10.11 4.20
CA TRP A 230 -8.85 10.32 5.59
C TRP A 230 -7.45 9.72 5.75
N SER A 231 -7.28 8.46 5.29
CA SER A 231 -6.01 7.74 5.36
C SER A 231 -4.93 8.53 4.64
N PHE A 232 -5.27 9.12 3.46
CA PHE A 232 -4.32 9.95 2.70
C PHE A 232 -3.83 11.14 3.55
N GLY A 233 -4.73 11.79 4.31
CA GLY A 233 -4.30 12.89 5.18
C GLY A 233 -3.29 12.41 6.21
N VAL A 234 -3.52 11.21 6.76
CA VAL A 234 -2.56 10.62 7.72
C VAL A 234 -1.23 10.37 7.02
N LEU A 235 -1.28 9.84 5.77
CA LEU A 235 -0.07 9.59 4.99
C LEU A 235 0.70 10.91 4.75
N LEU A 236 -0.01 12.05 4.47
CA LEU A 236 0.68 13.34 4.29
C LEU A 236 1.38 13.71 5.62
N TRP A 237 0.72 13.46 6.77
CA TRP A 237 1.31 13.72 8.09
C TRP A 237 2.57 12.84 8.26
N GLU A 238 2.50 11.57 7.83
CA GLU A 238 3.68 10.68 7.87
C GLU A 238 4.81 11.27 7.06
N LEU A 239 4.49 11.79 5.86
CA LEU A 239 5.50 12.38 5.03
C LEU A 239 6.19 13.59 5.67
N MET A 240 5.41 14.53 6.22
CA MET A 240 5.91 15.79 6.76
C MET A 240 6.70 15.60 8.04
N THR A 241 6.44 14.49 8.75
CA THR A 241 7.18 14.15 9.98
C THR A 241 8.36 13.21 9.67
N ARG A 242 8.60 12.87 8.37
CA ARG A 242 9.63 11.91 7.97
C ARG A 242 9.45 10.54 8.69
N GLY A 243 8.20 10.03 8.66
CA GLY A 243 7.85 8.71 9.17
C GLY A 243 7.59 8.55 10.66
N ALA A 244 7.13 9.62 11.34
CA ALA A 244 6.79 9.46 12.75
C ALA A 244 5.54 8.58 12.83
N PRO A 245 5.43 7.76 13.90
CA PRO A 245 4.19 7.01 14.09
C PRO A 245 3.08 7.97 14.58
N PRO A 246 1.87 7.88 13.99
CA PRO A 246 0.79 8.77 14.41
C PRO A 246 0.20 8.40 15.76
N TYR A 247 -0.22 9.41 16.55
CA TYR A 247 -0.82 9.22 17.89
C TYR A 247 -0.01 8.23 18.77
N PRO A 248 1.33 8.45 18.99
CA PRO A 248 2.13 7.46 19.74
C PRO A 248 1.70 7.17 21.20
N ASP A 249 1.03 8.14 21.84
CA ASP A 249 0.59 8.04 23.23
C ASP A 249 -0.87 7.58 23.38
N VAL A 250 -1.51 7.17 22.27
CA VAL A 250 -2.89 6.71 22.29
C VAL A 250 -2.90 5.22 22.14
N ASN A 251 -3.64 4.52 23.02
CA ASN A 251 -3.79 3.07 22.92
C ASN A 251 -4.69 2.80 21.71
N THR A 252 -4.30 1.80 20.90
CA THR A 252 -4.97 1.37 19.67
C THR A 252 -6.51 1.30 19.78
N PHE A 253 -7.04 0.71 20.88
CA PHE A 253 -8.48 0.56 21.10
C PHE A 253 -9.18 1.85 21.60
N ASP A 254 -8.40 2.90 21.92
CA ASP A 254 -8.94 4.16 22.43
C ASP A 254 -8.97 5.28 21.35
N ILE A 255 -8.52 5.00 20.11
CA ILE A 255 -8.39 6.04 19.05
C ILE A 255 -9.72 6.74 18.76
N THR A 256 -10.85 6.00 18.78
CA THR A 256 -12.17 6.61 18.54
C THR A 256 -12.49 7.64 19.65
N VAL A 257 -12.24 7.29 20.92
CA VAL A 257 -12.50 8.19 22.06
C VAL A 257 -11.67 9.45 21.94
N TYR A 258 -10.38 9.28 21.63
CA TYR A 258 -9.39 10.34 21.43
C TYR A 258 -9.89 11.34 20.36
N LEU A 259 -10.21 10.83 19.15
CA LEU A 259 -10.71 11.69 18.07
C LEU A 259 -12.00 12.43 18.44
N LEU A 260 -12.95 11.72 19.10
CA LEU A 260 -14.24 12.29 19.51
C LEU A 260 -14.13 13.33 20.62
N GLN A 261 -12.95 13.50 21.22
CA GLN A 261 -12.76 14.56 22.20
C GLN A 261 -12.57 15.90 21.46
N GLY A 262 -12.42 15.83 20.13
CA GLY A 262 -12.23 17.01 19.28
C GLY A 262 -10.76 17.21 18.92
N ARG A 263 -10.08 16.12 18.50
CA ARG A 263 -8.65 16.13 18.25
C ARG A 263 -8.27 15.67 16.87
N ARG A 264 -7.09 16.11 16.44
CA ARG A 264 -6.46 15.71 15.18
C ARG A 264 -4.96 15.69 15.35
N LEU A 265 -4.25 15.01 14.43
CA LEU A 265 -2.79 15.04 14.42
C LEU A 265 -2.36 16.52 14.33
N LEU A 266 -1.31 16.90 15.07
CA LEU A 266 -0.79 18.27 15.08
C LEU A 266 -0.03 18.62 13.80
N GLN A 267 0.08 19.93 13.50
CA GLN A 267 0.85 20.35 12.33
C GLN A 267 2.36 20.11 12.49
N PRO A 268 2.97 19.30 11.61
CA PRO A 268 4.44 19.09 11.70
C PRO A 268 5.22 20.40 11.46
N GLU A 269 6.41 20.55 12.11
CA GLU A 269 7.25 21.75 12.01
C GLU A 269 7.49 22.20 10.57
N TYR A 270 7.79 21.29 9.65
CA TYR A 270 8.09 21.74 8.28
C TYR A 270 6.90 21.58 7.32
N CYS A 271 5.70 21.32 7.85
CA CYS A 271 4.51 21.19 7.05
C CYS A 271 3.99 22.60 6.71
N PRO A 272 3.89 22.99 5.43
CA PRO A 272 3.34 24.34 5.13
C PRO A 272 1.90 24.47 5.62
N ASP A 273 1.49 25.69 6.05
CA ASP A 273 0.10 25.90 6.49
C ASP A 273 -0.94 25.40 5.46
N PRO A 274 -0.85 25.74 4.13
CA PRO A 274 -1.86 25.23 3.18
C PRO A 274 -1.92 23.71 3.13
N LEU A 275 -0.78 23.03 3.34
CA LEU A 275 -0.79 21.55 3.37
C LEU A 275 -1.46 21.04 4.63
N TYR A 276 -1.30 21.76 5.77
CA TYR A 276 -1.99 21.36 6.98
C TYR A 276 -3.50 21.53 6.82
N GLU A 277 -3.92 22.60 6.14
CA GLU A 277 -5.33 22.87 5.86
C GLU A 277 -5.94 21.73 5.02
N VAL A 278 -5.15 21.20 4.06
CA VAL A 278 -5.56 20.06 3.23
C VAL A 278 -5.76 18.82 4.13
N MET A 279 -4.82 18.60 5.08
CA MET A 279 -4.92 17.47 6.04
C MET A 279 -6.25 17.56 6.83
N LEU A 280 -6.56 18.77 7.35
CA LEU A 280 -7.78 18.96 8.12
C LEU A 280 -9.03 18.69 7.28
N LYS A 281 -8.99 19.04 5.99
CA LYS A 281 -10.09 18.77 5.02
C LYS A 281 -10.21 17.27 4.80
N CYS A 282 -9.07 16.56 4.70
CA CYS A 282 -9.10 15.09 4.55
C CYS A 282 -9.74 14.46 5.79
N TRP A 283 -9.62 15.11 6.96
CA TRP A 283 -10.17 14.55 8.20
C TRP A 283 -11.51 15.15 8.59
N HIS A 284 -12.23 15.72 7.61
CA HIS A 284 -13.52 16.34 7.85
C HIS A 284 -14.43 15.27 8.52
N PRO A 285 -15.16 15.65 9.59
CA PRO A 285 -16.05 14.68 10.27
C PRO A 285 -17.13 14.10 9.36
N LYS A 286 -17.53 14.82 8.30
CA LYS A 286 -18.53 14.32 7.35
C LYS A 286 -17.77 13.79 6.12
N ALA A 287 -17.76 12.45 5.91
CA ALA A 287 -17.07 11.81 4.76
C ALA A 287 -17.34 12.53 3.40
N GLU A 288 -18.61 12.85 3.14
CA GLU A 288 -19.07 13.50 1.92
C GLU A 288 -18.45 14.87 1.73
N MET A 289 -17.94 15.46 2.83
CA MET A 289 -17.34 16.79 2.73
C MET A 289 -15.83 16.77 2.51
N ARG A 290 -15.21 15.59 2.54
CA ARG A 290 -13.75 15.46 2.32
C ARG A 290 -13.47 15.68 0.83
N PRO A 291 -12.31 16.27 0.47
CA PRO A 291 -12.06 16.51 -0.96
C PRO A 291 -11.81 15.21 -1.71
N SER A 292 -12.17 15.19 -3.00
CA SER A 292 -11.88 14.05 -3.85
C SER A 292 -10.37 13.95 -4.08
N PHE A 293 -9.88 12.80 -4.60
CA PHE A 293 -8.47 12.69 -4.97
C PHE A 293 -8.16 13.63 -6.13
N SER A 294 -9.16 13.88 -7.02
CA SER A 294 -8.96 14.84 -8.10
C SER A 294 -8.65 16.25 -7.54
N GLU A 295 -9.43 16.70 -6.54
CA GLU A 295 -9.19 18.00 -5.91
C GLU A 295 -7.86 18.01 -5.18
N LEU A 296 -7.51 16.91 -4.49
CA LEU A 296 -6.23 16.79 -3.77
C LEU A 296 -5.02 16.91 -4.70
N VAL A 297 -5.09 16.26 -5.88
CA VAL A 297 -4.00 16.38 -6.87
C VAL A 297 -3.88 17.87 -7.28
N SER A 298 -5.01 18.52 -7.55
CA SER A 298 -5.01 19.94 -7.95
C SER A 298 -4.40 20.80 -6.82
N ARG A 299 -4.91 20.65 -5.60
CA ARG A 299 -4.44 21.48 -4.47
C ARG A 299 -2.97 21.25 -4.14
N ILE A 300 -2.55 19.99 -4.12
CA ILE A 300 -1.16 19.67 -3.77
C ILE A 300 -0.23 20.08 -4.91
N SER A 301 -0.67 19.93 -6.18
CA SER A 301 0.18 20.42 -7.31
C SER A 301 0.53 21.90 -7.11
N ALA A 302 -0.49 22.70 -6.69
CA ALA A 302 -0.29 24.13 -6.49
C ALA A 302 0.72 24.39 -5.36
N ILE A 303 0.56 23.73 -4.22
CA ILE A 303 1.46 23.92 -3.06
C ILE A 303 2.89 23.52 -3.45
N PHE A 304 3.03 22.35 -4.10
CA PHE A 304 4.32 21.83 -4.58
C PHE A 304 5.04 22.85 -5.46
N SER A 305 4.30 23.47 -6.40
CA SER A 305 4.85 24.44 -7.37
C SER A 305 5.44 25.70 -6.70
N THR A 306 5.02 26.01 -5.45
CA THR A 306 5.54 27.20 -4.76
C THR A 306 6.98 27.02 -4.28
N PHE A 307 7.48 25.79 -4.20
CA PHE A 307 8.84 25.52 -3.71
C PHE A 307 9.84 25.52 -4.86
N ILE A 308 11.02 26.11 -4.64
CA ILE A 308 12.12 26.11 -5.57
C ILE A 308 12.83 24.74 -5.38
N GLY A 309 13.23 24.13 -6.49
CA GLY A 309 13.91 22.83 -6.48
C1 88Z B . 10.79 -4.77 -0.16
C2 88Z B . 11.73 -4.24 -1.07
C3 88Z B . 11.47 -4.19 -2.40
C4 88Z B . 10.24 -4.67 -2.91
C5 88Z B . 9.28 -5.20 -2.02
C6 88Z B . 9.59 -5.24 -0.62
N7 88Z B . 10.03 -4.59 -4.26
C8 88Z B . 8.86 -5.04 -4.72
C9 88Z B . 7.85 -5.59 -3.94
C10 88Z B . 8.07 -5.66 -2.58
O11 88Z B . 11.18 -4.76 1.15
C12 88Z B . 10.27 -5.24 2.14
O13 88Z B . 12.90 -3.80 -0.47
O14 88Z B . 7.17 -6.17 -1.65
C15 88Z B . 5.81 -6.14 -1.94
C16 88Z B . 5.08 -4.96 -1.97
C17 88Z B . 3.73 -5.00 -2.26
C18 88Z B . 3.10 -6.22 -2.52
C19 88Z B . 3.83 -7.40 -2.49
C20 88Z B . 5.17 -7.34 -2.20
F21 88Z B . 5.89 -8.48 -2.16
N22 88Z B . 1.72 -6.19 -2.83
C23 88Z B . 14.00 -3.47 -1.32
C24 88Z B . 15.22 -3.27 -0.44
C25 88Z B . 15.20 -1.93 0.26
N26 88Z B . 16.42 -1.63 1.03
C27 88Z B . 16.07 -1.34 2.43
C28 88Z B . 16.75 -0.07 2.91
O29 88Z B . 18.15 -0.09 2.64
C30 88Z B . 18.41 -0.19 1.22
C31 88Z B . 17.13 -0.48 0.44
C32 88Z B . 0.89 -7.21 -3.10
C33 88Z B . -0.54 -6.83 -3.53
C34 88Z B . -0.78 -5.34 -3.91
N35 88Z B . -2.04 -5.01 -4.25
O36 88Z B . 1.22 -8.39 -3.03
O37 88Z B . 0.12 -4.51 -3.89
C38 88Z B . -2.46 -3.66 -4.44
C39 88Z B . -3.51 -3.15 -3.70
C40 88Z B . -3.91 -1.84 -3.89
C41 88Z B . -3.24 -1.08 -4.80
C42 88Z B . -2.19 -1.54 -5.55
C43 88Z B . -1.79 -2.86 -5.36
F44 88Z B . -3.63 0.21 -4.97
C45 88Z B . -1.40 -7.93 -4.16
C46 88Z B . -1.64 -7.56 -2.74
#